data_7TLY
#
_entry.id   7TLY
#
loop_
_entity.id
_entity.type
_entity.pdbx_description
1 polymer 'S309 Fab heavy chain'
2 polymer 'S309 Fab light chain'
3 polymer 'Spike glycoprotein'
4 branched beta-D-mannopyranose-(1-4)-2-acetamido-2-deoxy-beta-D-glucopyranose-(1-4)-[alpha-L-fucopyranose-(1-6)]2-acetamido-2-deoxy-beta-D-glucopyranose
#
loop_
_entity_poly.entity_id
_entity_poly.type
_entity_poly.pdbx_seq_one_letter_code
_entity_poly.pdbx_strand_id
1 'polypeptide(L)'
;QVQLVQSGAEVKKPGASVKVSCKASGYPFTSYGISWVRQAPGQGLEWMGWISTYNGNTNYAQKFQGRVTMTTDTSTTTGY
MELRRLRSDDTAVYYCARDYTRGAWFGESLIGGFDNWGQGTLVTVS
;
A
2 'polypeptide(L)'
;EIVLTQSPGTLSLSPGERATLSCRASQTVSSTSLAWYQQKPGQAPRLLIYGASSRATGIPDRFSGSGSGTDFTLTISRLE
PEDFAVYYCQQHDTSLTFGGGTKVEIKRTVAAPSVFIFPPSDEQLKSGTASVVCLLNNFYPREAKVQWKVDNALQSGNSQ
ESVTEQDSKDSTYSLSSTLTLSKADYEKHKVYACEVTHQGLSSPVTKSFNRGEC
;
B
3 'polypeptide(L)'
;MFVFLVLLPLVSSQCVNLTTRTQLPPAYTNSFTRGVYYPDKVFRSSVLHSTQDLFLPFFSNVTWFHVISGTNGTKRFDNP
VLPFNDGVYFASIEKSNIIRGWIFGTTLDSKTQSLLIVNNATNVVIKVCEFQFCNDPFLDHKNNKSWMESEFRVYSSANN
CTFEYVSQPFLMDLEGKQGNFKNLREFVFKNIDGYFKIYSKHTPIIVREPEDLPQGFSALEPLVDLPIGINITRFQTLLA
LHRSYLTPGDSSSGWTAGAAAYYVGYLQPRTFLLKYNENGTITDAVDCALDPLSETKCTLKSFTVEKGIYQTSNFRVQPT
ESIVRFPNITNLCPFDEVFNATRFASVYAWNRKRISNCVADYSVLYNLAPFFTFKCYGVSPTKLNDLCFTNVYADSFVIR
GDEVRQIAPGQTGNIADYNYKLPDDFTGCVIAWNSNKLDSKVSGNYNYLYRLFRKSNLKPFERDISTEIYQAGNKPCNGV
AGFNCYFPLRSYSFRPTYGVGHQPYRVVVLSFELLHAPATVCGPKKSTNLVKNKCVNFNFNGLKGTGVLTESNKKFLPFQ
QFGRDIADTTDAVRDPQTLEILDITPCSFGGVSVITPGTNTSNQVAVLYQGVNCTEVPVAIHADQLTPTWRVYSTGSNVF
QTRAGCLIGAEYVNNSYECDIPIGAGICASYQTQTKSHSGAGSVASQSIIAYTMSLGAENSVACSNNSIAIPTNFTISVT
TEILPVSMTKTSVDCTMYICGDSTECSNLLLQYGSFCTQLKRALTGIAVEQDKNTQEVFAQVKQIYKTPPIKYFGGFNFS
QILPDPSKPSKRSPIEDLLFNKVTLADAGFIKQYGDCLGDIAARDLICAQKFKGLTVLPPLLTDEMIAQYTSALLAGTIC
SGWTFGAGPALQIPFPMQMAYRFNGIGVTQNVLYENQKLIANQFNSAIGKIQDSLSSTPSALGKLQDVVNHNAQALNTLV
KQLSSKFGAISSVLNDIFSRLDKPEAEVQIDRLITGRLQSLQTYVTQQLIRAAEIRASANLAATKMSECVLGQSKRVDFC
GKGYHLMSFPQSAPHGVVFLHVTYVPAQEKNFTTAPAICHDGKAHFPREGVFVSNGTHWFVTQRNFYEPQIITTDNTFVS
GNCDVVIGIVNNTVYDPLQPELDSFKEELDKYFKNHTSPDVDLGDISGINASVVNIQKEIDRLNEVAKNLNESLIDLQEL
GKYEQGSGYIPEAPRDGQAYVRKDGEWVLLSTFLGRSLEVLFQGPGSGGLNDIFEAQKIEWHEGSGHHHHHHHH
;
I
#
loop_
_chem_comp.id
_chem_comp.type
_chem_comp.name
_chem_comp.formula
BMA D-saccharide, beta linking beta-D-mannopyranose 'C6 H12 O6'
FUC L-saccharide, alpha linking alpha-L-fucopyranose 'C6 H12 O5'
NAG D-saccharide, beta linking 2-acetamido-2-deoxy-beta-D-glucopyranose 'C8 H15 N O6'
#
# COMPACT_ATOMS: atom_id res chain seq x y z
N GLN A 1 3.76 1.17 19.87
CA GLN A 1 4.04 2.36 20.66
C GLN A 1 4.61 3.50 19.77
N VAL A 2 4.02 3.68 18.60
CA VAL A 2 4.43 4.71 17.65
C VAL A 2 3.92 6.09 18.03
N GLN A 3 4.81 7.06 18.01
CA GLN A 3 4.44 8.44 18.34
C GLN A 3 4.98 9.41 17.30
N LEU A 4 4.24 10.49 17.09
CA LEU A 4 4.67 11.58 16.23
C LEU A 4 4.52 12.90 16.97
N VAL A 5 5.62 13.61 17.15
CA VAL A 5 5.60 14.83 17.94
C VAL A 5 5.94 16.05 17.10
N GLN A 6 4.99 16.96 16.98
CA GLN A 6 5.17 18.14 16.15
C GLN A 6 5.49 19.38 16.96
N SER A 7 6.04 20.38 16.30
CA SER A 7 6.37 21.65 16.92
C SER A 7 5.11 22.44 17.30
N GLY A 8 5.28 23.45 18.15
CA GLY A 8 4.16 24.23 18.64
C GLY A 8 3.68 25.27 17.63
N ALA A 9 2.65 26.03 18.01
CA ALA A 9 2.02 26.98 17.12
C ALA A 9 2.96 28.10 16.71
N GLU A 10 2.79 28.59 15.49
CA GLU A 10 3.59 29.67 14.94
C GLU A 10 2.70 30.81 14.42
N VAL A 11 3.19 32.04 14.52
CA VAL A 11 2.49 33.19 13.96
C VAL A 11 3.38 33.89 12.94
N LYS A 12 2.88 33.99 11.71
CA LYS A 12 3.66 34.56 10.62
C LYS A 12 2.95 35.69 9.91
N LYS A 13 3.71 36.51 9.20
CA LYS A 13 3.17 37.59 8.40
C LYS A 13 3.01 37.09 6.96
N PRO A 14 2.11 37.66 6.18
CA PRO A 14 1.94 37.39 4.77
C PRO A 14 3.26 37.53 4.02
N GLY A 15 3.59 36.52 3.23
CA GLY A 15 4.82 36.50 2.46
C GLY A 15 5.93 35.72 3.17
N ALA A 16 5.73 35.44 4.45
CA ALA A 16 6.72 34.70 5.25
C ALA A 16 6.61 33.22 5.00
N SER A 17 7.64 32.47 5.42
CA SER A 17 7.60 31.01 5.33
C SER A 17 7.56 30.40 6.73
N VAL A 18 7.01 29.19 6.82
CA VAL A 18 6.98 28.46 8.09
C VAL A 18 7.52 27.08 7.79
N LYS A 19 8.35 26.57 8.70
CA LYS A 19 8.82 25.20 8.61
C LYS A 19 8.34 24.46 9.85
N VAL A 20 7.70 23.31 9.65
CA VAL A 20 7.09 22.56 10.74
C VAL A 20 7.78 21.22 10.82
N SER A 21 8.20 20.85 12.03
CA SER A 21 8.90 19.57 12.23
C SER A 21 7.96 18.49 12.77
N CYS A 22 8.37 17.23 12.62
CA CYS A 22 7.65 16.07 13.14
C CYS A 22 8.62 14.96 13.53
N LYS A 23 8.82 14.79 14.83
CA LYS A 23 9.76 13.79 15.35
C LYS A 23 9.07 12.44 15.48
N ALA A 24 9.68 11.41 14.91
CA ALA A 24 9.05 10.09 14.89
C ALA A 24 9.81 9.09 15.74
N SER A 25 9.06 8.22 16.42
CA SER A 25 9.67 7.16 17.21
C SER A 25 8.74 5.96 17.36
N GLY A 26 9.29 4.81 17.78
CA GLY A 26 8.51 3.61 18.03
C GLY A 26 8.50 2.66 16.84
N TYR A 27 9.21 3.02 15.78
CA TYR A 27 9.27 2.19 14.58
C TYR A 27 10.55 2.50 13.79
N PRO A 28 10.99 1.60 12.90
CA PRO A 28 12.04 1.80 11.92
C PRO A 28 11.69 2.96 10.98
N PHE A 29 12.47 4.02 11.05
CA PHE A 29 12.16 5.26 10.33
C PHE A 29 12.13 5.05 8.82
N THR A 30 13.08 4.29 8.31
CA THR A 30 13.25 4.13 6.87
C THR A 30 12.32 3.07 6.27
N SER A 31 11.45 2.49 7.09
CA SER A 31 10.51 1.50 6.60
C SER A 31 9.17 2.10 6.21
N TYR A 32 8.91 3.33 6.63
CA TYR A 32 7.61 3.98 6.37
C TYR A 32 7.81 5.41 5.90
N GLY A 33 6.89 5.92 5.10
CA GLY A 33 7.03 7.28 4.60
C GLY A 33 6.38 8.29 5.53
N ILE A 34 6.47 9.56 5.16
CA ILE A 34 5.84 10.63 5.91
C ILE A 34 4.89 11.44 5.05
N SER A 35 3.65 11.58 5.50
CA SER A 35 2.68 12.37 4.77
C SER A 35 2.27 13.61 5.54
N TRP A 36 1.86 14.64 4.81
CA TRP A 36 1.37 15.86 5.44
C TRP A 36 -0.03 16.22 4.95
N VAL A 37 -0.90 16.51 5.91
CA VAL A 37 -2.29 16.88 5.67
C VAL A 37 -2.64 18.10 6.52
N ARG A 38 -3.35 19.07 5.95
CA ARG A 38 -3.73 20.24 6.74
C ARG A 38 -5.23 20.39 6.83
N GLN A 39 -5.68 21.03 7.91
CA GLN A 39 -7.10 21.28 8.11
C GLN A 39 -7.37 22.70 8.57
N ALA A 40 -7.95 23.51 7.70
CA ALA A 40 -8.32 24.87 8.04
C ALA A 40 -9.57 24.82 8.93
N PRO A 41 -9.79 25.82 9.80
CA PRO A 41 -10.95 25.94 10.66
C PRO A 41 -12.24 25.81 9.85
N GLY A 42 -13.10 24.88 10.27
CA GLY A 42 -14.39 24.67 9.62
C GLY A 42 -14.29 23.84 8.34
N GLN A 43 -13.09 23.39 7.99
CA GLN A 43 -12.88 22.65 6.76
C GLN A 43 -12.52 21.20 6.99
N GLY A 44 -12.38 20.44 5.90
CA GLY A 44 -12.03 19.04 5.96
C GLY A 44 -10.52 18.85 5.81
N LEU A 45 -10.11 17.63 5.45
CA LEU A 45 -8.71 17.29 5.37
C LEU A 45 -8.16 17.46 3.95
N GLU A 46 -7.10 18.26 3.82
CA GLU A 46 -6.48 18.50 2.52
C GLU A 46 -5.05 17.96 2.47
N TRP A 47 -4.80 17.07 1.52
CA TRP A 47 -3.48 16.46 1.36
C TRP A 47 -2.49 17.45 0.76
N MET A 48 -1.30 17.55 1.36
CA MET A 48 -0.28 18.46 0.85
C MET A 48 0.77 17.73 0.03
N GLY A 49 1.18 16.55 0.51
CA GLY A 49 2.23 15.79 -0.17
C GLY A 49 2.80 14.65 0.66
N TRP A 50 3.73 13.92 0.06
CA TRP A 50 4.38 12.75 0.67
C TRP A 50 5.88 12.72 0.37
N ILE A 51 6.66 12.24 1.33
CA ILE A 51 8.09 12.03 1.14
C ILE A 51 8.56 10.67 1.66
N SER A 52 9.47 10.04 0.92
CA SER A 52 10.09 8.79 1.36
C SER A 52 11.31 9.05 2.24
N THR A 53 11.32 8.41 3.41
CA THR A 53 12.40 8.55 4.37
C THR A 53 13.61 7.73 3.95
N TYR A 54 13.42 6.87 2.96
CA TYR A 54 14.48 5.99 2.49
C TYR A 54 15.32 6.61 1.39
N ASN A 55 14.66 7.18 0.37
CA ASN A 55 15.40 7.69 -0.79
C ASN A 55 15.15 9.16 -1.11
N GLY A 56 14.32 9.83 -0.32
CA GLY A 56 14.11 11.27 -0.50
C GLY A 56 13.12 11.62 -1.61
N ASN A 57 12.52 10.60 -2.25
CA ASN A 57 11.57 10.86 -3.33
C ASN A 57 10.31 11.53 -2.78
N THR A 58 9.74 12.44 -3.56
CA THR A 58 8.55 13.15 -3.13
C THR A 58 7.40 13.07 -4.12
N ASN A 59 6.20 13.32 -3.62
CA ASN A 59 4.99 13.41 -4.41
C ASN A 59 4.09 14.50 -3.83
N TYR A 60 3.98 15.62 -4.53
CA TYR A 60 3.27 16.77 -3.98
C TYR A 60 1.90 16.94 -4.61
N ALA A 61 0.97 17.47 -3.83
CA ALA A 61 -0.33 17.88 -4.36
C ALA A 61 -0.13 19.07 -5.28
N GLN A 62 -0.92 19.15 -6.35
CA GLN A 62 -0.76 20.23 -7.32
C GLN A 62 -0.87 21.60 -6.67
N LYS A 63 -1.76 21.71 -5.68
CA LYS A 63 -2.01 22.99 -5.02
C LYS A 63 -0.76 23.61 -4.42
N PHE A 64 0.18 22.77 -3.98
CA PHE A 64 1.37 23.27 -3.31
C PHE A 64 2.64 22.95 -4.10
N GLN A 65 2.48 22.62 -5.37
CA GLN A 65 3.61 22.14 -6.17
C GLN A 65 4.78 23.12 -6.18
N GLY A 66 4.48 24.41 -6.17
CA GLY A 66 5.54 25.41 -6.21
C GLY A 66 5.74 26.13 -4.87
N ARG A 67 5.10 25.62 -3.81
CA ARG A 67 5.16 26.30 -2.53
C ARG A 67 5.70 25.46 -1.37
N VAL A 68 5.50 24.14 -1.42
CA VAL A 68 5.90 23.33 -0.26
C VAL A 68 7.11 22.45 -0.59
N THR A 69 8.05 22.41 0.35
CA THR A 69 9.21 21.55 0.25
C THR A 69 9.27 20.60 1.45
N MET A 70 9.47 19.32 1.17
CA MET A 70 9.56 18.33 2.24
C MET A 70 10.92 17.66 2.25
N THR A 71 11.48 17.49 3.44
CA THR A 71 12.76 16.82 3.62
C THR A 71 12.72 15.87 4.81
N THR A 72 13.69 14.98 4.89
CA THR A 72 13.81 14.09 6.03
C THR A 72 15.24 14.02 6.54
N ASP A 73 15.39 13.69 7.81
CA ASP A 73 16.70 13.44 8.40
C ASP A 73 16.68 12.12 9.16
N THR A 74 17.39 11.13 8.62
CA THR A 74 17.33 9.77 9.15
C THR A 74 18.21 9.59 10.39
N SER A 75 19.07 10.57 10.67
CA SER A 75 19.96 10.46 11.83
C SER A 75 19.24 10.88 13.10
N THR A 76 18.23 11.74 12.95
CA THR A 76 17.43 12.23 14.06
C THR A 76 15.99 11.74 13.93
N THR A 77 15.78 10.84 12.97
CA THR A 77 14.45 10.31 12.65
C THR A 77 13.37 11.36 12.77
N THR A 78 13.54 12.46 12.04
CA THR A 78 12.61 13.59 12.06
C THR A 78 12.27 14.04 10.65
N GLY A 79 10.99 14.32 10.41
CA GLY A 79 10.55 14.87 9.14
C GLY A 79 10.42 16.38 9.23
N TYR A 80 10.55 17.07 8.10
CA TYR A 80 10.39 18.51 8.06
C TYR A 80 9.59 18.96 6.85
N MET A 81 8.80 20.01 7.03
CA MET A 81 8.08 20.63 5.92
C MET A 81 8.19 22.15 5.96
N GLU A 82 8.41 22.75 4.81
CA GLU A 82 8.43 24.21 4.71
C GLU A 82 7.43 24.72 3.69
N LEU A 83 6.57 25.64 4.12
CA LEU A 83 5.59 26.24 3.22
C LEU A 83 5.89 27.72 2.99
N ARG A 84 6.19 28.05 1.74
CA ARG A 84 6.60 29.40 1.36
C ARG A 84 5.51 30.41 1.05
N ARG A 85 5.84 31.69 1.20
CA ARG A 85 4.95 32.78 0.83
C ARG A 85 3.51 32.56 1.35
N LEU A 86 3.41 32.54 2.67
CA LEU A 86 2.13 32.27 3.32
C LEU A 86 1.14 33.38 3.08
N ARG A 87 -0.12 33.00 2.95
CA ARG A 87 -1.23 33.94 2.81
C ARG A 87 -2.22 33.75 3.94
N SER A 88 -3.16 34.68 4.09
CA SER A 88 -4.13 34.56 5.17
C SER A 88 -4.98 33.29 5.04
N ASP A 89 -5.10 32.79 3.82
CA ASP A 89 -5.89 31.59 3.55
C ASP A 89 -5.16 30.31 3.95
N ASP A 90 -3.92 30.44 4.39
CA ASP A 90 -3.12 29.30 4.80
C ASP A 90 -3.22 29.05 6.30
N THR A 91 -4.07 29.81 6.99
CA THR A 91 -4.26 29.56 8.41
C THR A 91 -4.93 28.20 8.60
N ALA A 92 -4.24 27.29 9.26
CA ALA A 92 -4.71 25.92 9.39
C ALA A 92 -3.87 25.15 10.40
N VAL A 93 -4.35 23.98 10.80
CA VAL A 93 -3.54 23.06 11.57
C VAL A 93 -2.90 22.05 10.65
N TYR A 94 -1.57 21.97 10.69
CA TYR A 94 -0.81 21.11 9.81
C TYR A 94 -0.40 19.84 10.54
N TYR A 95 -0.85 18.70 10.03
CA TYR A 95 -0.58 17.41 10.67
C TYR A 95 0.43 16.59 9.88
N CYS A 96 1.25 15.83 10.62
CA CYS A 96 2.10 14.80 10.02
C CYS A 96 1.50 13.43 10.31
N ALA A 97 1.72 12.48 9.43
CA ALA A 97 1.25 11.12 9.66
C ALA A 97 2.19 10.10 9.07
N ARG A 98 2.17 8.90 9.63
CA ARG A 98 2.97 7.79 9.11
C ARG A 98 2.29 7.22 7.87
N ASP A 99 3.02 7.16 6.77
CA ASP A 99 2.45 6.77 5.50
C ASP A 99 2.67 5.30 5.15
N TYR A 100 1.56 4.58 5.04
CA TYR A 100 1.57 3.20 4.59
C TYR A 100 0.61 3.05 3.41
N THR A 101 0.56 4.10 2.58
CA THR A 101 -0.26 4.11 1.37
C THR A 101 0.62 4.03 0.13
N ARG A 102 1.89 4.39 0.28
CA ARG A 102 2.88 4.25 -0.77
C ARG A 102 4.19 3.75 -0.21
N GLY A 103 4.84 2.83 -0.92
CA GLY A 103 6.10 2.27 -0.47
C GLY A 103 7.22 3.31 -0.50
N ALA A 104 8.14 3.21 0.44
CA ALA A 104 9.27 4.13 0.51
C ALA A 104 10.42 3.68 -0.38
N TRP A 105 10.48 2.37 -0.67
CA TRP A 105 11.61 1.83 -1.44
C TRP A 105 11.28 1.70 -2.93
N PHE A 106 10.03 1.39 -3.24
CA PHE A 106 9.66 1.14 -4.63
C PHE A 106 8.75 2.22 -5.20
N GLY A 107 8.06 2.95 -4.32
CA GLY A 107 7.17 4.03 -4.75
C GLY A 107 5.80 3.54 -5.23
N GLU A 108 5.50 2.27 -4.98
CA GLU A 108 4.23 1.69 -5.44
C GLU A 108 3.15 1.80 -4.37
N SER A 109 1.89 1.81 -4.81
CA SER A 109 0.76 1.91 -3.89
C SER A 109 0.61 0.67 -3.01
N LEU A 110 0.27 0.90 -1.75
CA LEU A 110 0.06 -0.16 -0.77
C LEU A 110 -1.39 -0.19 -0.30
N ILE A 111 -1.79 -1.33 0.28
CA ILE A 111 -3.13 -1.44 0.87
C ILE A 111 -3.09 -1.00 2.33
N GLY A 112 -3.53 0.23 2.59
CA GLY A 112 -3.38 0.79 3.92
C GLY A 112 -4.00 2.18 4.04
N GLY A 113 -3.42 2.99 4.93
CA GLY A 113 -3.91 4.33 5.23
C GLY A 113 -2.94 5.04 6.16
N PHE A 114 -3.37 6.17 6.71
CA PHE A 114 -2.54 6.94 7.64
C PHE A 114 -2.93 6.58 9.07
N ASP A 115 -2.17 5.69 9.70
CA ASP A 115 -2.54 5.15 10.99
C ASP A 115 -2.14 6.05 12.17
N ASN A 116 -0.89 6.47 12.18
CA ASN A 116 -0.37 7.31 13.26
C ASN A 116 -0.31 8.78 12.84
N TRP A 117 -0.93 9.63 13.64
CA TRP A 117 -0.97 11.07 13.39
C TRP A 117 -0.32 11.86 14.53
N GLY A 118 0.29 12.99 14.20
CA GLY A 118 0.82 13.89 15.22
C GLY A 118 -0.31 14.73 15.81
N GLN A 119 0.01 15.60 16.76
CA GLN A 119 -1.02 16.40 17.41
C GLN A 119 -1.48 17.57 16.54
N GLY A 120 -0.66 17.93 15.56
CA GLY A 120 -0.97 19.04 14.67
C GLY A 120 -0.29 20.33 15.10
N THR A 121 0.20 21.08 14.12
CA THR A 121 0.84 22.37 14.39
C THR A 121 -0.01 23.50 13.84
N LEU A 122 -0.44 24.41 14.70
CA LEU A 122 -1.26 25.52 14.26
C LEU A 122 -0.43 26.65 13.71
N VAL A 123 -0.70 27.03 12.47
CA VAL A 123 -0.01 28.14 11.85
C VAL A 123 -0.99 29.25 11.52
N THR A 124 -0.75 30.42 12.08
CA THR A 124 -1.61 31.58 11.86
C THR A 124 -0.91 32.63 11.03
N VAL A 125 -1.61 33.12 10.01
CA VAL A 125 -1.04 34.17 9.17
C VAL A 125 -1.87 35.45 9.28
N SER A 126 -1.23 36.53 9.71
CA SER A 126 -1.92 37.79 9.95
C SER A 126 -0.97 38.98 9.86
N ILE B 2 -9.77 12.19 -8.27
CA ILE B 2 -11.12 11.65 -8.12
C ILE B 2 -11.85 12.40 -6.99
N VAL B 3 -13.07 12.84 -7.27
CA VAL B 3 -13.90 13.56 -6.31
C VAL B 3 -14.75 12.62 -5.47
N LEU B 4 -14.70 12.80 -4.16
CA LEU B 4 -15.48 11.97 -3.24
C LEU B 4 -16.59 12.79 -2.58
N THR B 5 -17.83 12.38 -2.79
CA THR B 5 -18.98 13.08 -2.23
C THR B 5 -19.61 12.26 -1.10
N GLN B 6 -19.80 12.89 0.04
CA GLN B 6 -20.36 12.18 1.19
C GLN B 6 -21.74 12.71 1.54
N SER B 7 -22.55 11.85 2.15
CA SER B 7 -23.88 12.23 2.59
C SER B 7 -24.28 11.27 3.71
N PRO B 8 -25.16 11.72 4.61
CA PRO B 8 -25.78 13.03 4.72
C PRO B 8 -24.82 14.03 5.31
N GLY B 9 -25.15 15.31 5.21
CA GLY B 9 -24.34 16.35 5.84
C GLY B 9 -24.20 16.04 7.32
N THR B 10 -25.34 15.92 8.01
CA THR B 10 -25.35 15.54 9.41
C THR B 10 -26.34 14.39 9.63
N LEU B 11 -25.87 13.34 10.28
CA LEU B 11 -26.69 12.19 10.59
C LEU B 11 -27.14 12.22 12.03
N PRO B 15 -27.90 7.28 20.69
CA PRO B 15 -26.97 6.26 21.13
C PRO B 15 -27.69 4.93 21.22
N GLY B 16 -27.06 3.88 20.72
CA GLY B 16 -27.66 2.56 20.70
C GLY B 16 -28.26 2.24 19.33
N GLU B 17 -28.41 3.24 18.48
CA GLU B 17 -28.95 3.03 17.14
C GLU B 17 -27.85 2.73 16.13
N ARG B 18 -28.23 2.12 15.02
CA ARG B 18 -27.32 1.79 13.94
C ARG B 18 -27.12 2.99 13.01
N ALA B 19 -25.86 3.26 12.65
CA ALA B 19 -25.55 4.37 11.76
C ALA B 19 -24.91 3.90 10.47
N THR B 20 -25.30 4.54 9.37
CA THR B 20 -24.68 4.26 8.08
C THR B 20 -24.24 5.56 7.40
N LEU B 21 -23.00 5.57 6.92
CA LEU B 21 -22.43 6.73 6.24
C LEU B 21 -22.02 6.35 4.82
N SER B 22 -22.32 7.22 3.86
CA SER B 22 -22.02 6.92 2.47
C SER B 22 -20.93 7.82 1.88
N CYS B 23 -20.18 7.28 0.91
CA CYS B 23 -19.19 8.01 0.12
C CYS B 23 -19.20 7.49 -1.32
N ARG B 24 -19.55 8.36 -2.25
CA ARG B 24 -19.65 7.99 -3.65
C ARG B 24 -18.59 8.72 -4.46
N ALA B 25 -17.84 7.95 -5.25
CA ALA B 25 -16.79 8.53 -6.08
C ALA B 25 -17.29 8.86 -7.47
N SER B 26 -16.74 9.93 -8.05
CA SER B 26 -17.05 10.30 -9.44
C SER B 26 -16.43 9.31 -10.42
N GLN B 27 -15.44 8.56 -9.95
CA GLN B 27 -14.74 7.55 -10.76
C GLN B 27 -14.57 6.28 -9.95
N THR B 28 -14.42 5.15 -10.65
CA THR B 28 -14.22 3.87 -9.98
C THR B 28 -12.97 3.89 -9.09
N VAL B 29 -13.14 3.42 -7.87
CA VAL B 29 -12.03 3.33 -6.90
C VAL B 29 -11.85 1.89 -6.45
N SER B 30 -10.64 1.38 -6.58
CA SER B 30 -10.36 0.00 -6.16
C SER B 30 -10.56 -0.25 -4.68
N SER B 31 -10.98 -1.47 -4.34
CA SER B 31 -11.15 -1.83 -2.93
C SER B 31 -9.85 -1.57 -2.14
N THR B 32 -8.74 -1.90 -2.79
CA THR B 32 -7.41 -1.73 -2.23
C THR B 32 -6.93 -0.31 -1.97
N SER B 33 -7.62 0.67 -2.54
CA SER B 33 -7.19 2.05 -2.48
C SER B 33 -8.15 2.94 -1.68
N LEU B 34 -9.09 2.35 -0.94
CA LEU B 34 -10.05 3.17 -0.20
C LEU B 34 -10.00 2.93 1.30
N ALA B 35 -10.19 4.01 2.07
CA ALA B 35 -10.11 3.95 3.53
C ALA B 35 -11.09 4.93 4.19
N TRP B 36 -11.38 4.68 5.48
CA TRP B 36 -12.22 5.57 6.29
C TRP B 36 -11.49 6.06 7.53
N TYR B 37 -11.73 7.32 7.89
CA TYR B 37 -11.14 7.96 9.06
C TYR B 37 -12.19 8.54 10.00
N GLN B 38 -11.82 8.65 11.28
CA GLN B 38 -12.67 9.27 12.29
C GLN B 38 -11.94 10.41 12.99
N GLN B 39 -12.58 11.56 13.11
CA GLN B 39 -11.99 12.68 13.83
C GLN B 39 -12.85 13.20 14.97
N LYS B 40 -12.35 13.04 16.20
CA LYS B 40 -13.03 13.57 17.37
C LYS B 40 -12.67 15.05 17.52
N PRO B 41 -13.53 15.86 18.15
CA PRO B 41 -13.28 17.26 18.45
C PRO B 41 -11.99 17.44 19.22
N GLY B 42 -11.13 18.33 18.71
CA GLY B 42 -9.88 18.65 19.39
C GLY B 42 -8.78 17.61 19.15
N GLN B 43 -9.05 16.63 18.29
CA GLN B 43 -8.08 15.56 18.07
C GLN B 43 -7.77 15.34 16.59
N ALA B 44 -6.60 14.78 16.31
CA ALA B 44 -6.23 14.39 14.95
C ALA B 44 -7.10 13.21 14.51
N PRO B 45 -7.35 13.06 13.21
CA PRO B 45 -8.01 11.93 12.59
C PRO B 45 -7.28 10.62 12.86
N ARG B 46 -8.03 9.52 12.92
CA ARG B 46 -7.44 8.20 13.05
C ARG B 46 -7.99 7.25 11.99
N LEU B 47 -7.20 6.26 11.59
CA LEU B 47 -7.62 5.29 10.59
C LEU B 47 -8.54 4.24 11.19
N LEU B 48 -9.68 4.01 10.54
CA LEU B 48 -10.62 2.99 10.99
C LEU B 48 -10.63 1.80 10.04
N ILE B 49 -10.85 2.05 8.76
CA ILE B 49 -10.98 1.00 7.76
C ILE B 49 -9.99 1.21 6.63
N TYR B 50 -9.32 0.14 6.21
CA TYR B 50 -8.44 0.20 5.05
C TYR B 50 -8.73 -0.98 4.14
N GLY B 51 -8.45 -0.83 2.85
CA GLY B 51 -8.75 -1.88 1.89
C GLY B 51 -10.26 -1.98 1.71
N ALA B 52 -10.95 -0.92 2.10
CA ALA B 52 -12.40 -0.83 2.09
C ALA B 52 -13.09 -1.75 3.09
N SER B 53 -12.35 -2.70 3.67
CA SER B 53 -12.96 -3.59 4.66
C SER B 53 -12.23 -3.84 5.97
N SER B 54 -10.92 -4.12 5.88
CA SER B 54 -10.14 -4.51 7.05
C SER B 54 -10.09 -3.40 8.10
N ARG B 55 -10.19 -3.80 9.36
CA ARG B 55 -10.12 -2.85 10.46
C ARG B 55 -8.67 -2.53 10.81
N ALA B 56 -8.41 -1.28 11.16
CA ALA B 56 -7.10 -0.89 11.67
C ALA B 56 -6.94 -1.40 13.09
N THR B 57 -5.70 -1.63 13.50
CA THR B 57 -5.44 -2.13 14.84
C THR B 57 -5.97 -1.18 15.90
N GLY B 58 -6.70 -1.73 16.87
CA GLY B 58 -7.24 -0.95 17.98
C GLY B 58 -8.70 -0.52 17.75
N ILE B 59 -9.21 -0.79 16.55
CA ILE B 59 -10.59 -0.40 16.21
C ILE B 59 -11.59 -1.49 16.64
N PRO B 60 -12.61 -1.13 17.43
CA PRO B 60 -13.70 -1.97 17.90
C PRO B 60 -14.44 -2.65 16.76
N ASP B 61 -14.96 -3.84 17.04
CA ASP B 61 -15.63 -4.68 16.04
C ASP B 61 -16.93 -4.09 15.52
N ARG B 62 -17.48 -3.11 16.24
CA ARG B 62 -18.72 -2.47 15.83
C ARG B 62 -18.53 -1.62 14.58
N PHE B 63 -17.28 -1.34 14.22
CA PHE B 63 -16.97 -0.58 13.02
C PHE B 63 -16.64 -1.51 11.85
N SER B 64 -17.39 -1.37 10.76
CA SER B 64 -17.17 -2.21 9.58
C SER B 64 -17.45 -1.45 8.29
N GLY B 65 -16.59 -1.62 7.30
CA GLY B 65 -16.78 -0.95 6.01
C GLY B 65 -16.89 -1.96 4.87
N SER B 66 -17.46 -1.51 3.76
CA SER B 66 -17.59 -2.34 2.58
C SER B 66 -17.92 -1.49 1.36
N GLY B 67 -17.86 -2.09 0.18
CA GLY B 67 -18.28 -1.39 -1.04
C GLY B 67 -17.50 -1.84 -2.26
N SER B 68 -17.88 -1.29 -3.41
CA SER B 68 -17.26 -1.61 -4.69
C SER B 68 -17.60 -0.54 -5.72
N GLY B 69 -16.88 -0.55 -6.84
CA GLY B 69 -17.19 0.40 -7.90
C GLY B 69 -17.00 1.83 -7.41
N THR B 70 -18.10 2.58 -7.40
CA THR B 70 -18.07 3.97 -6.98
C THR B 70 -18.82 4.19 -5.66
N ASP B 71 -19.41 3.14 -5.11
CA ASP B 71 -20.26 3.27 -3.93
C ASP B 71 -19.72 2.50 -2.72
N PHE B 72 -19.25 3.25 -1.71
CA PHE B 72 -18.71 2.66 -0.50
C PHE B 72 -19.42 3.20 0.74
N THR B 73 -19.51 2.38 1.77
CA THR B 73 -20.15 2.81 3.02
C THR B 73 -19.36 2.40 4.26
N LEU B 74 -19.67 3.08 5.37
CA LEU B 74 -19.17 2.73 6.69
C LEU B 74 -20.34 2.54 7.65
N THR B 75 -20.37 1.40 8.32
CA THR B 75 -21.48 1.09 9.23
C THR B 75 -21.02 0.92 10.66
N ILE B 76 -21.77 1.52 11.57
CA ILE B 76 -21.56 1.35 13.01
C ILE B 76 -22.84 0.68 13.53
N SER B 77 -22.73 -0.57 13.95
CA SER B 77 -23.93 -1.32 14.31
C SER B 77 -24.80 -0.83 15.47
N ARG B 78 -24.16 -0.08 16.36
CA ARG B 78 -24.80 0.63 17.46
C ARG B 78 -23.91 1.77 17.90
N LEU B 79 -24.44 2.98 17.95
CA LEU B 79 -23.60 4.11 18.34
C LEU B 79 -23.36 4.21 19.83
N GLU B 80 -22.11 4.44 20.20
CA GLU B 80 -21.74 4.74 21.57
C GLU B 80 -21.55 6.24 21.69
N PRO B 81 -21.57 6.80 22.91
CA PRO B 81 -21.34 8.20 23.21
C PRO B 81 -20.05 8.73 22.60
N GLU B 82 -19.07 7.84 22.37
CA GLU B 82 -17.79 8.25 21.81
C GLU B 82 -17.72 8.13 20.28
N ASP B 83 -18.81 7.68 19.67
CA ASP B 83 -18.83 7.47 18.22
C ASP B 83 -19.37 8.68 17.48
N PHE B 84 -19.67 9.73 18.22
CA PHE B 84 -20.20 10.95 17.62
C PHE B 84 -19.04 11.86 17.24
N ALA B 85 -18.72 11.84 15.96
CA ALA B 85 -17.52 12.45 15.41
C ALA B 85 -17.70 12.71 13.93
N VAL B 86 -16.73 13.39 13.32
CA VAL B 86 -16.76 13.58 11.88
C VAL B 86 -15.97 12.49 11.19
N TYR B 87 -16.60 11.84 10.22
CA TYR B 87 -15.97 10.75 9.50
C TYR B 87 -15.58 11.19 8.10
N TYR B 88 -14.47 10.67 7.60
CA TYR B 88 -14.00 11.01 6.27
C TYR B 88 -13.74 9.75 5.46
N CYS B 89 -13.94 9.84 4.14
CA CYS B 89 -13.53 8.78 3.22
C CYS B 89 -12.31 9.25 2.43
N GLN B 90 -11.46 8.30 2.07
CA GLN B 90 -10.23 8.59 1.36
C GLN B 90 -10.02 7.63 0.20
N GLN B 91 -9.42 8.14 -0.87
CA GLN B 91 -8.99 7.25 -1.94
C GLN B 91 -7.59 7.63 -2.41
N HIS B 92 -6.81 6.62 -2.77
CA HIS B 92 -5.51 6.84 -3.40
C HIS B 92 -5.34 5.95 -4.62
N ASP B 93 -6.43 5.78 -5.37
CA ASP B 93 -6.41 5.05 -6.62
C ASP B 93 -5.72 5.94 -7.64
N THR B 94 -6.08 7.21 -7.60
CA THR B 94 -5.44 8.26 -8.40
C THR B 94 -5.02 9.39 -7.46
N SER B 95 -3.73 9.72 -7.47
CA SER B 95 -3.21 10.70 -6.53
C SER B 95 -3.66 10.32 -5.12
N LEU B 96 -4.08 11.31 -4.34
CA LEU B 96 -4.64 11.06 -3.02
C LEU B 96 -5.66 12.12 -2.64
N THR B 97 -6.91 11.70 -2.43
CA THR B 97 -7.97 12.59 -2.01
C THR B 97 -8.75 12.27 -0.76
N PHE B 98 -9.34 13.29 -0.14
CA PHE B 98 -10.21 13.11 1.02
C PHE B 98 -11.59 13.63 0.64
N GLY B 99 -12.63 13.02 1.21
CA GLY B 99 -13.99 13.47 0.98
C GLY B 99 -14.31 14.70 1.82
N GLY B 100 -15.51 15.24 1.63
CA GLY B 100 -15.93 16.46 2.33
C GLY B 100 -16.02 16.29 3.84
N GLY B 101 -16.40 15.09 4.29
CA GLY B 101 -16.58 14.83 5.70
C GLY B 101 -18.06 14.80 6.07
N THR B 102 -18.45 13.80 6.85
CA THR B 102 -19.83 13.65 7.29
C THR B 102 -19.91 13.62 8.81
N LYS B 103 -20.82 14.38 9.37
CA LYS B 103 -20.92 14.51 10.82
C LYS B 103 -21.99 13.60 11.41
N VAL B 104 -21.62 12.85 12.45
CA VAL B 104 -22.59 12.07 13.20
C VAL B 104 -22.98 12.83 14.48
N GLU B 105 -24.27 13.06 14.67
CA GLU B 105 -24.81 13.85 15.78
C GLU B 105 -26.13 13.26 16.25
N ILE C 329 24.36 -3.03 9.06
CA ILE C 329 23.14 -2.76 8.31
C ILE C 329 22.02 -2.38 9.30
N THR C 330 21.39 -1.22 9.07
CA THR C 330 20.30 -0.73 9.92
C THR C 330 18.94 -0.77 9.23
N ASN C 331 18.95 -0.88 7.90
CA ASN C 331 17.71 -0.89 7.13
C ASN C 331 17.07 -2.27 7.14
N LEU C 332 15.75 -2.31 7.12
CA LEU C 332 15.04 -3.59 7.07
C LEU C 332 14.55 -3.85 5.65
N CYS C 333 14.54 -5.12 5.23
CA CYS C 333 14.14 -5.51 3.88
C CYS C 333 12.65 -5.25 3.66
N PRO C 334 12.31 -4.56 2.56
CA PRO C 334 10.98 -4.10 2.21
C PRO C 334 10.11 -5.24 1.69
N PHE C 335 9.89 -6.26 2.51
CA PHE C 335 9.01 -7.35 2.11
C PHE C 335 7.58 -6.86 2.13
N ASP C 336 7.29 -5.95 3.06
CA ASP C 336 5.95 -5.41 3.22
C ASP C 336 5.48 -4.74 1.94
N GLU C 337 6.41 -4.11 1.24
CA GLU C 337 6.07 -3.34 0.05
C GLU C 337 5.98 -4.22 -1.19
N VAL C 338 6.24 -5.51 -1.02
CA VAL C 338 6.13 -6.48 -2.09
C VAL C 338 4.85 -7.30 -1.94
N PHE C 339 4.62 -7.77 -0.72
CA PHE C 339 3.49 -8.66 -0.43
C PHE C 339 2.15 -7.93 -0.21
N ASN C 340 2.19 -6.68 0.30
CA ASN C 340 0.97 -5.91 0.62
C ASN C 340 0.67 -4.86 -0.47
N ALA C 341 1.21 -5.06 -1.68
CA ALA C 341 0.98 -4.16 -2.82
C ALA C 341 -0.46 -4.23 -3.30
N THR C 342 -0.97 -3.10 -3.81
CA THR C 342 -2.35 -3.05 -4.30
C THR C 342 -2.42 -3.78 -5.63
N ARG C 343 -1.35 -3.67 -6.43
CA ARG C 343 -1.39 -4.25 -7.80
C ARG C 343 -0.24 -5.21 -8.11
N PHE C 344 -0.53 -6.37 -8.70
CA PHE C 344 0.43 -7.36 -9.14
C PHE C 344 0.50 -7.40 -10.66
N ALA C 345 1.65 -7.78 -11.18
CA ALA C 345 1.88 -7.87 -12.62
C ALA C 345 1.23 -9.13 -13.21
N SER C 346 0.97 -9.08 -14.52
CA SER C 346 0.48 -10.23 -15.27
C SER C 346 1.58 -11.27 -15.39
N VAL C 347 1.21 -12.53 -15.51
CA VAL C 347 2.18 -13.60 -15.56
C VAL C 347 3.04 -13.56 -16.82
N TYR C 348 2.46 -13.08 -17.93
CA TYR C 348 3.21 -12.98 -19.17
C TYR C 348 4.27 -11.89 -19.08
N ALA C 349 4.10 -10.99 -18.12
CA ALA C 349 4.99 -9.85 -17.93
C ALA C 349 5.32 -9.70 -16.46
N TRP C 350 5.91 -10.74 -15.87
CA TRP C 350 6.15 -10.78 -14.44
C TRP C 350 7.15 -9.70 -14.01
N ASN C 351 6.96 -9.18 -12.81
CA ASN C 351 7.77 -8.06 -12.32
C ASN C 351 8.80 -8.49 -11.29
N ARG C 352 10.04 -8.03 -11.46
CA ARG C 352 11.11 -8.35 -10.53
C ARG C 352 11.54 -7.16 -9.68
N LYS C 353 11.47 -7.32 -8.37
CA LYS C 353 11.93 -6.32 -7.42
C LYS C 353 13.19 -6.80 -6.70
N ARG C 354 14.21 -5.96 -6.65
CA ARG C 354 15.47 -6.34 -6.03
C ARG C 354 15.55 -5.93 -4.56
N ILE C 355 15.98 -6.87 -3.73
CA ILE C 355 16.18 -6.64 -2.31
C ILE C 355 17.68 -6.73 -1.97
N SER C 356 18.21 -5.67 -1.38
CA SER C 356 19.63 -5.61 -1.04
C SER C 356 19.92 -4.67 0.12
N ASN C 357 21.10 -4.82 0.72
CA ASN C 357 21.59 -3.92 1.77
C ASN C 357 20.56 -3.73 2.88
N CYS C 358 20.06 -4.84 3.44
CA CYS C 358 19.00 -4.81 4.44
C CYS C 358 18.99 -6.04 5.34
N VAL C 359 18.24 -5.96 6.43
CA VAL C 359 18.05 -7.08 7.33
C VAL C 359 16.77 -7.83 6.98
N ALA C 360 16.91 -9.12 6.70
CA ALA C 360 15.79 -9.92 6.21
C ALA C 360 15.05 -10.61 7.32
N ASP C 361 13.92 -10.02 7.73
CA ASP C 361 13.08 -10.61 8.76
C ASP C 361 11.97 -11.41 8.10
N TYR C 362 12.04 -12.74 8.20
CA TYR C 362 11.10 -13.59 7.50
C TYR C 362 9.94 -14.03 8.38
N SER C 363 9.98 -13.61 9.64
CA SER C 363 8.94 -14.02 10.61
C SER C 363 7.55 -13.66 10.08
N VAL C 364 7.42 -12.48 9.48
CA VAL C 364 6.08 -12.03 9.05
C VAL C 364 5.55 -13.03 8.02
N LEU C 365 6.41 -13.48 7.10
CA LEU C 365 5.89 -14.37 6.04
C LEU C 365 5.39 -15.65 6.73
N TYR C 366 6.13 -16.17 7.71
CA TYR C 366 5.65 -17.34 8.50
C TYR C 366 4.41 -16.94 9.29
N ASN C 367 4.41 -15.72 9.83
CA ASN C 367 3.32 -15.27 10.73
C ASN C 367 1.96 -15.23 10.05
N LEU C 368 1.88 -14.78 8.79
CA LEU C 368 0.53 -14.61 8.21
C LEU C 368 -0.14 -15.97 8.01
N PRO C 370 -2.89 -16.27 6.07
CA PRO C 370 -3.29 -16.26 4.66
C PRO C 370 -2.34 -16.97 3.69
N PHE C 371 -1.03 -16.87 3.93
CA PHE C 371 -0.08 -17.39 2.96
C PHE C 371 -0.03 -18.91 3.04
N PHE C 372 -1.05 -19.54 2.47
CA PHE C 372 -1.25 -20.98 2.57
C PHE C 372 -0.14 -21.75 1.88
N THR C 373 0.36 -21.23 0.77
CA THR C 373 1.42 -21.89 0.04
C THR C 373 2.77 -21.28 0.41
N PHE C 374 3.67 -22.11 0.93
CA PHE C 374 5.01 -21.68 1.30
C PHE C 374 5.99 -22.84 1.16
N LYS C 375 6.54 -22.99 -0.03
CA LYS C 375 7.44 -24.11 -0.30
C LYS C 375 8.84 -23.63 -0.65
N CYS C 376 9.84 -24.06 0.13
CA CYS C 376 11.22 -23.69 -0.08
C CYS C 376 12.02 -24.83 -0.70
N TYR C 377 12.86 -24.48 -1.67
CA TYR C 377 13.70 -25.44 -2.37
C TYR C 377 15.17 -25.19 -2.08
N GLY C 378 15.83 -26.18 -1.48
CA GLY C 378 17.26 -26.09 -1.18
C GLY C 378 17.53 -25.38 0.14
N VAL C 379 16.49 -24.86 0.76
CA VAL C 379 16.63 -24.13 2.01
C VAL C 379 15.41 -24.37 2.90
N SER C 380 15.61 -24.42 4.20
CA SER C 380 14.50 -24.59 5.14
C SER C 380 13.91 -23.24 5.52
N PRO C 381 12.58 -23.12 5.54
CA PRO C 381 11.80 -21.91 5.85
C PRO C 381 12.00 -21.47 7.29
N THR C 382 12.53 -22.34 8.13
CA THR C 382 12.73 -22.03 9.53
C THR C 382 14.18 -21.66 9.84
N LYS C 383 15.03 -21.69 8.82
CA LYS C 383 16.45 -21.38 8.98
C LYS C 383 16.82 -20.07 8.27
N LEU C 384 15.86 -19.49 7.56
CA LEU C 384 16.15 -18.33 6.72
C LEU C 384 16.55 -17.24 7.70
N ASN C 385 16.11 -17.32 8.96
CA ASN C 385 16.40 -16.20 9.92
C ASN C 385 17.91 -16.10 10.18
N ASP C 386 18.65 -17.19 10.09
CA ASP C 386 20.09 -17.23 10.21
C ASP C 386 21.05 -17.21 9.02
N LEU C 387 20.54 -16.89 7.84
CA LEU C 387 21.35 -16.94 6.62
C LEU C 387 21.67 -15.55 6.06
N CYS C 388 22.75 -15.48 5.28
CA CYS C 388 23.15 -14.29 4.53
C CYS C 388 23.20 -14.57 3.03
N PHE C 389 22.80 -13.59 2.24
CA PHE C 389 22.73 -13.70 0.80
C PHE C 389 23.44 -12.52 0.14
N THR C 390 23.89 -12.70 -1.10
CA THR C 390 24.49 -11.58 -1.82
C THR C 390 23.41 -10.75 -2.50
N ASN C 391 22.30 -11.40 -2.83
CA ASN C 391 21.12 -10.72 -3.35
C ASN C 391 19.85 -11.53 -3.10
N VAL C 392 18.72 -10.85 -3.01
CA VAL C 392 17.42 -11.51 -2.97
C VAL C 392 16.49 -10.90 -4.00
N TYR C 393 15.86 -11.72 -4.83
CA TYR C 393 14.99 -11.20 -5.92
C TYR C 393 13.55 -11.69 -5.75
N ALA C 394 12.58 -10.77 -5.73
CA ALA C 394 11.18 -11.12 -5.57
C ALA C 394 10.41 -10.97 -6.89
N ASP C 395 9.99 -12.10 -7.46
CA ASP C 395 9.24 -12.09 -8.71
C ASP C 395 7.74 -12.21 -8.46
N SER C 396 7.00 -11.17 -8.80
CA SER C 396 5.56 -11.13 -8.52
C SER C 396 4.70 -11.26 -9.77
N PHE C 397 3.65 -12.09 -9.67
CA PHE C 397 2.71 -12.28 -10.76
C PHE C 397 1.38 -12.91 -10.31
N VAL C 398 0.35 -12.83 -11.15
CA VAL C 398 -0.95 -13.45 -10.87
C VAL C 398 -1.31 -14.56 -11.85
N ILE C 399 -1.67 -15.72 -11.29
CA ILE C 399 -2.08 -16.90 -12.06
C ILE C 399 -3.33 -17.54 -11.45
N ARG C 400 -3.86 -18.59 -12.10
CA ARG C 400 -5.00 -19.33 -11.55
C ARG C 400 -4.54 -20.31 -10.47
N GLY C 401 -5.45 -20.68 -9.58
CA GLY C 401 -5.14 -21.63 -8.53
C GLY C 401 -4.59 -22.95 -9.06
N ASP C 402 -5.14 -23.43 -10.16
CA ASP C 402 -4.69 -24.70 -10.74
C ASP C 402 -3.32 -24.60 -11.39
N GLU C 403 -2.83 -23.37 -11.57
CA GLU C 403 -1.54 -23.14 -12.20
C GLU C 403 -0.43 -22.97 -11.18
N VAL C 404 -0.79 -22.97 -9.89
CA VAL C 404 0.18 -22.75 -8.84
C VAL C 404 1.23 -23.85 -8.81
N ARG C 405 0.82 -25.07 -9.15
CA ARG C 405 1.73 -26.21 -9.18
C ARG C 405 2.83 -26.07 -10.22
N GLN C 406 2.68 -25.14 -11.16
CA GLN C 406 3.66 -24.96 -12.21
C GLN C 406 4.83 -24.09 -11.76
N ILE C 407 4.67 -23.42 -10.62
CA ILE C 407 5.74 -22.55 -10.15
C ILE C 407 6.68 -23.35 -9.28
N ALA C 408 7.45 -24.21 -9.93
CA ALA C 408 8.38 -25.12 -9.26
C ALA C 408 9.38 -25.67 -10.28
N PRO C 409 10.60 -25.99 -9.85
CA PRO C 409 11.63 -26.62 -10.64
C PRO C 409 11.21 -28.00 -11.10
N GLY C 410 11.51 -28.31 -12.36
CA GLY C 410 11.22 -29.63 -12.92
C GLY C 410 9.80 -29.74 -13.48
N GLN C 411 9.00 -28.68 -13.35
CA GLN C 411 7.62 -28.74 -13.84
C GLN C 411 7.47 -28.17 -15.24
N THR C 412 6.42 -28.61 -15.92
CA THR C 412 6.07 -28.12 -17.26
C THR C 412 4.61 -27.71 -17.31
N GLY C 413 4.23 -26.98 -18.36
CA GLY C 413 2.85 -26.51 -18.51
C GLY C 413 2.91 -25.16 -19.22
N ASN C 414 1.75 -24.57 -19.54
CA ASN C 414 1.71 -23.30 -20.33
C ASN C 414 2.21 -22.10 -19.52
N ILE C 415 2.39 -22.22 -18.21
CA ILE C 415 2.96 -21.14 -17.44
C ILE C 415 4.44 -21.46 -17.33
N ALA C 416 4.74 -22.68 -16.92
CA ALA C 416 6.13 -23.10 -16.74
C ALA C 416 6.92 -22.95 -18.04
N ASP C 417 6.28 -23.20 -19.18
CA ASP C 417 6.97 -23.16 -20.46
C ASP C 417 6.90 -21.82 -21.20
N TYR C 418 5.80 -21.09 -21.09
CA TYR C 418 5.67 -19.87 -21.91
C TYR C 418 5.60 -18.56 -21.13
N ASN C 419 5.49 -18.62 -19.80
CA ASN C 419 5.33 -17.38 -19.04
C ASN C 419 6.40 -17.17 -17.98
N TYR C 420 6.65 -18.19 -17.16
CA TYR C 420 7.58 -18.06 -16.06
C TYR C 420 8.27 -19.39 -15.75
N LYS C 421 9.52 -19.52 -16.17
CA LYS C 421 10.27 -20.75 -16.01
C LYS C 421 11.31 -20.66 -14.89
N LEU C 422 11.30 -21.64 -14.00
CA LEU C 422 12.34 -21.76 -12.98
C LEU C 422 13.34 -22.83 -13.41
N PRO C 423 14.62 -22.67 -13.06
CA PRO C 423 15.70 -23.60 -13.31
C PRO C 423 15.57 -24.84 -12.45
N ASP C 424 16.10 -25.96 -12.91
CA ASP C 424 16.02 -27.22 -12.18
C ASP C 424 16.78 -27.17 -10.86
N ASP C 425 17.79 -26.32 -10.80
CA ASP C 425 18.59 -26.16 -9.58
C ASP C 425 18.18 -24.90 -8.82
N PHE C 426 16.94 -24.47 -9.01
CA PHE C 426 16.41 -23.29 -8.34
C PHE C 426 16.57 -23.35 -6.83
N THR C 427 17.08 -22.27 -6.26
CA THR C 427 17.18 -22.12 -4.81
C THR C 427 16.40 -20.89 -4.38
N GLY C 428 15.42 -21.11 -3.52
CA GLY C 428 14.54 -20.02 -3.11
C GLY C 428 13.21 -20.57 -2.59
N CYS C 429 12.29 -19.66 -2.25
CA CYS C 429 10.98 -20.02 -1.69
C CYS C 429 9.84 -19.44 -2.53
N VAL C 430 8.81 -20.25 -2.71
CA VAL C 430 7.61 -19.82 -3.43
C VAL C 430 6.44 -19.62 -2.48
N ILE C 431 5.92 -18.39 -2.45
CA ILE C 431 4.81 -18.03 -1.59
C ILE C 431 3.59 -17.61 -2.41
N ALA C 432 2.43 -18.18 -2.09
CA ALA C 432 1.23 -17.86 -2.84
C ALA C 432 -0.01 -17.86 -1.97
N TRP C 433 -0.97 -16.99 -2.32
CA TRP C 433 -2.22 -16.90 -1.57
C TRP C 433 -3.39 -16.53 -2.47
N ASN C 434 -4.60 -16.86 -2.01
CA ASN C 434 -5.82 -16.61 -2.75
C ASN C 434 -6.21 -15.13 -2.69
N SER C 435 -6.32 -14.51 -3.87
CA SER C 435 -6.61 -13.08 -3.94
C SER C 435 -7.99 -12.80 -4.53
N ASN C 436 -8.86 -13.81 -4.52
CA ASN C 436 -10.18 -13.71 -5.10
C ASN C 436 -10.88 -12.44 -4.62
N LYS C 437 -10.73 -12.12 -3.34
CA LYS C 437 -11.45 -10.95 -2.77
C LYS C 437 -11.00 -9.65 -3.43
N LEU C 438 -9.76 -9.57 -3.93
CA LEU C 438 -9.24 -8.34 -4.48
C LEU C 438 -9.20 -8.25 -6.00
N ASP C 439 -8.85 -9.36 -6.66
CA ASP C 439 -8.62 -9.36 -8.09
C ASP C 439 -9.84 -9.76 -8.92
N SER C 440 -10.76 -10.54 -8.37
CA SER C 440 -11.89 -10.99 -9.15
C SER C 440 -12.95 -9.89 -9.29
N LYS C 441 -13.61 -9.86 -10.45
CA LYS C 441 -14.67 -8.88 -10.68
C LYS C 441 -15.91 -9.55 -11.24
N VAL C 442 -17.08 -8.98 -10.96
CA VAL C 442 -18.35 -9.54 -11.41
C VAL C 442 -18.45 -9.52 -12.94
N SER C 443 -18.04 -8.42 -13.55
CA SER C 443 -18.06 -8.29 -14.99
C SER C 443 -16.90 -9.03 -15.64
N GLY C 444 -15.92 -9.39 -14.81
CA GLY C 444 -14.74 -10.11 -15.27
C GLY C 444 -13.51 -9.20 -15.29
N ASN C 445 -12.44 -9.64 -14.65
CA ASN C 445 -11.20 -8.88 -14.64
C ASN C 445 -10.30 -9.32 -15.78
N TYR C 446 -10.18 -8.46 -16.80
CA TYR C 446 -9.45 -8.80 -18.01
C TYR C 446 -8.08 -8.15 -18.05
N ASN C 447 -7.67 -7.59 -16.92
CA ASN C 447 -6.38 -6.90 -16.83
C ASN C 447 -5.21 -7.88 -16.79
N TYR C 448 -5.45 -9.08 -16.28
CA TYR C 448 -4.39 -10.07 -16.19
C TYR C 448 -4.35 -10.95 -17.42
N LEU C 449 -3.17 -11.09 -18.00
CA LEU C 449 -2.98 -11.88 -19.22
C LEU C 449 -1.89 -12.93 -19.08
N TYR C 450 -2.00 -13.98 -19.89
CA TYR C 450 -0.99 -15.02 -19.99
C TYR C 450 -0.68 -15.31 -21.45
N ARG C 451 0.51 -15.83 -21.70
CA ARG C 451 0.91 -16.24 -23.04
C ARG C 451 0.53 -17.68 -23.30
N LEU C 452 -0.15 -17.91 -24.43
CA LEU C 452 -0.55 -19.25 -24.81
C LEU C 452 0.30 -19.77 -25.99
N PHE C 453 0.66 -18.87 -26.90
CA PHE C 453 1.37 -19.30 -28.10
C PHE C 453 2.79 -18.74 -28.15
N ARG C 454 3.74 -19.61 -28.50
CA ARG C 454 5.12 -19.20 -28.74
C ARG C 454 5.80 -20.27 -29.57
N LYS C 455 6.88 -19.90 -30.27
CA LYS C 455 7.57 -20.85 -31.13
C LYS C 455 8.56 -21.74 -30.38
N SER C 456 8.83 -21.38 -29.12
CA SER C 456 9.77 -22.14 -28.30
C SER C 456 9.49 -21.93 -26.82
N ASN C 457 10.10 -22.75 -25.98
CA ASN C 457 9.93 -22.64 -24.54
C ASN C 457 10.91 -21.64 -23.95
N LEU C 458 10.57 -21.09 -22.79
CA LEU C 458 11.41 -20.10 -22.13
C LEU C 458 12.59 -20.71 -21.40
N LYS C 459 13.61 -19.87 -21.28
CA LYS C 459 14.77 -20.28 -20.46
C LYS C 459 14.54 -19.71 -19.06
N PRO C 460 15.16 -20.28 -18.03
CA PRO C 460 15.01 -19.88 -16.65
C PRO C 460 15.06 -18.36 -16.51
N PHE C 461 14.05 -17.82 -15.85
CA PHE C 461 13.91 -16.39 -15.59
C PHE C 461 13.90 -15.53 -16.86
N GLU C 462 13.49 -16.11 -17.98
CA GLU C 462 13.31 -15.35 -19.21
C GLU C 462 11.94 -14.65 -19.22
N ARG C 463 11.89 -13.47 -19.82
CA ARG C 463 10.63 -12.75 -19.96
C ARG C 463 10.37 -12.42 -21.43
N ASP C 464 9.15 -12.68 -21.89
CA ASP C 464 8.76 -12.38 -23.26
C ASP C 464 7.42 -11.66 -23.29
N ILE C 465 7.45 -10.38 -23.66
CA ILE C 465 6.25 -9.55 -23.65
C ILE C 465 5.92 -9.02 -25.03
N SER C 466 6.41 -9.71 -26.07
CA SER C 466 6.11 -9.32 -27.44
C SER C 466 4.67 -9.68 -27.80
N THR C 467 4.14 -9.00 -28.82
CA THR C 467 2.77 -9.26 -29.26
C THR C 467 2.72 -9.72 -30.71
N GLU C 468 3.86 -10.16 -31.24
CA GLU C 468 3.93 -10.62 -32.62
C GLU C 468 3.01 -11.81 -32.84
N ILE C 469 2.25 -11.78 -33.93
CA ILE C 469 1.28 -12.83 -34.23
C ILE C 469 1.98 -14.17 -34.46
N TYR C 470 1.44 -15.20 -33.82
CA TYR C 470 1.99 -16.54 -33.90
C TYR C 470 1.53 -17.28 -35.14
N GLN C 471 2.50 -17.88 -35.84
CA GLN C 471 2.22 -18.66 -37.03
C GLN C 471 2.07 -20.15 -36.68
N TYR C 486 -2.52 -16.51 -34.65
CA TYR C 486 -3.09 -16.22 -33.34
C TYR C 486 -2.41 -15.06 -32.63
N PHE C 487 -3.18 -14.31 -31.87
CA PHE C 487 -2.62 -13.32 -30.97
C PHE C 487 -2.13 -14.08 -29.73
N PRO C 488 -0.84 -14.01 -29.40
CA PRO C 488 -0.14 -14.85 -28.44
C PRO C 488 -0.64 -14.74 -27.01
N LEU C 489 -1.28 -13.62 -26.67
CA LEU C 489 -1.73 -13.41 -25.29
C LEU C 489 -3.24 -13.55 -25.19
N ARG C 490 -3.72 -14.08 -24.05
CA ARG C 490 -5.18 -14.24 -23.82
C ARG C 490 -5.49 -13.90 -22.35
N SER C 491 -6.60 -13.22 -22.06
CA SER C 491 -6.98 -12.79 -20.72
C SER C 491 -7.42 -13.94 -19.83
N TYR C 492 -7.31 -13.74 -18.53
CA TYR C 492 -7.80 -14.70 -17.55
C TYR C 492 -9.29 -14.57 -17.30
N SER C 493 -9.79 -13.33 -17.34
CA SER C 493 -11.20 -13.07 -17.07
C SER C 493 -11.63 -13.64 -15.73
N PHE C 494 -11.04 -13.13 -14.64
CA PHE C 494 -11.31 -13.66 -13.30
C PHE C 494 -12.67 -13.19 -12.77
N ARG C 495 -13.40 -14.12 -12.16
CA ARG C 495 -14.71 -13.83 -11.57
C ARG C 495 -14.86 -14.46 -10.18
N PRO C 496 -15.65 -13.84 -9.29
CA PRO C 496 -15.95 -14.27 -7.93
C PRO C 496 -16.87 -15.49 -7.91
N THR C 497 -17.40 -15.86 -9.07
CA THR C 497 -18.33 -16.97 -9.18
C THR C 497 -17.62 -18.25 -9.61
N TYR C 498 -16.30 -18.16 -9.78
CA TYR C 498 -15.50 -19.31 -10.19
C TYR C 498 -15.16 -20.22 -9.01
N GLY C 499 -14.96 -21.51 -9.31
CA GLY C 499 -14.48 -22.45 -8.31
C GLY C 499 -13.02 -22.16 -7.99
N VAL C 500 -12.49 -22.76 -6.94
CA VAL C 500 -11.17 -22.41 -6.44
C VAL C 500 -10.07 -22.54 -7.49
N GLY C 501 -10.12 -23.58 -8.30
CA GLY C 501 -9.07 -23.81 -9.30
C GLY C 501 -8.96 -22.67 -10.31
N HIS C 502 -10.04 -21.92 -10.49
CA HIS C 502 -10.07 -20.85 -11.47
C HIS C 502 -10.01 -19.47 -10.83
N GLN C 503 -9.83 -19.43 -9.51
CA GLN C 503 -9.69 -18.17 -8.80
C GLN C 503 -8.24 -17.70 -8.93
N PRO C 504 -8.00 -16.39 -8.90
CA PRO C 504 -6.70 -15.77 -8.96
C PRO C 504 -5.89 -16.00 -7.70
N TYR C 505 -4.60 -16.23 -7.89
CA TYR C 505 -3.65 -16.33 -6.80
C TYR C 505 -2.47 -15.39 -7.03
N ARG C 506 -2.04 -14.73 -5.97
CA ARG C 506 -0.89 -13.87 -6.05
C ARG C 506 0.36 -14.62 -5.63
N VAL C 507 1.33 -14.67 -6.52
CA VAL C 507 2.52 -15.47 -6.30
C VAL C 507 3.77 -14.59 -6.22
N VAL C 508 4.54 -14.81 -5.17
CA VAL C 508 5.84 -14.14 -5.02
C VAL C 508 6.94 -15.18 -4.87
N VAL C 509 7.89 -15.15 -5.79
CA VAL C 509 9.01 -16.08 -5.73
C VAL C 509 10.27 -15.39 -5.23
N LEU C 510 10.80 -15.87 -4.12
CA LEU C 510 12.00 -15.27 -3.54
C LEU C 510 13.23 -16.10 -3.89
N SER C 511 14.03 -15.58 -4.80
CA SER C 511 15.23 -16.26 -5.26
C SER C 511 16.42 -15.84 -4.41
N PHE C 512 17.15 -16.83 -3.90
CA PHE C 512 18.28 -16.54 -3.02
C PHE C 512 19.60 -16.75 -3.74
N GLU C 513 20.34 -15.66 -3.89
CA GLU C 513 21.60 -15.70 -4.63
C GLU C 513 22.75 -15.87 -3.65
N LEU C 514 23.54 -16.91 -3.81
CA LEU C 514 24.70 -17.16 -2.98
C LEU C 514 25.96 -17.26 -3.83
N LEU C 515 26.84 -16.26 -3.70
CA LEU C 515 28.06 -16.17 -4.48
C LEU C 515 29.27 -16.01 -3.58
N HIS C 516 30.46 -16.20 -4.15
CA HIS C 516 31.69 -15.93 -3.41
C HIS C 516 31.93 -14.42 -3.35
N ALA C 517 31.07 -13.75 -2.59
CA ALA C 517 31.09 -12.30 -2.49
C ALA C 517 30.49 -11.86 -1.15
N PRO C 518 30.80 -10.65 -0.66
CA PRO C 518 30.23 -10.04 0.51
C PRO C 518 28.72 -10.03 0.46
N ALA C 519 28.09 -10.41 1.57
CA ALA C 519 26.64 -10.44 1.65
C ALA C 519 26.08 -9.04 1.76
N THR C 520 24.87 -8.84 1.24
CA THR C 520 24.20 -7.56 1.36
C THR C 520 22.91 -7.71 2.15
N VAL C 521 22.39 -8.93 2.20
CA VAL C 521 21.17 -9.22 2.95
C VAL C 521 21.41 -10.31 3.99
N CYS C 522 21.11 -10.00 5.25
CA CYS C 522 21.28 -10.96 6.35
C CYS C 522 20.07 -10.93 7.26
N GLY C 523 19.67 -12.08 7.76
CA GLY C 523 18.58 -12.13 8.72
C GLY C 523 19.07 -11.60 10.08
N PRO C 524 18.18 -11.45 11.10
CA PRO C 524 18.59 -10.92 12.38
C PRO C 524 19.01 -12.04 13.34
C1 NAG D . 0.18 -6.45 5.52
C2 NAG D . 1.26 -7.24 6.33
C3 NAG D . 0.58 -7.85 7.56
C4 NAG D . -0.05 -6.74 8.40
C5 NAG D . -1.07 -5.99 7.52
C6 NAG D . -1.72 -4.85 8.28
C7 NAG D . 3.11 -8.40 5.31
C8 NAG D . 3.69 -9.49 4.45
N2 NAG D . 1.80 -8.30 5.49
O3 NAG D . 1.57 -8.55 8.34
O4 NAG D . -0.71 -7.31 9.53
O5 NAG D . -0.41 -5.43 6.34
O6 NAG D . -0.76 -3.92 8.78
O7 NAG D . 3.86 -7.58 5.86
C1 NAG D . -0.06 -6.98 10.83
C2 NAG D . -1.09 -7.17 11.99
C3 NAG D . -0.40 -6.79 13.31
C4 NAG D . 0.84 -7.70 13.52
C5 NAG D . 1.80 -7.48 12.31
C6 NAG D . 3.03 -8.37 12.40
C7 NAG D . -3.48 -6.72 11.69
C8 NAG D . -4.62 -5.77 11.46
N2 NAG D . -2.23 -6.26 11.78
O3 NAG D . -1.31 -6.98 14.41
O4 NAG D . 1.53 -7.31 14.72
O5 NAG D . 1.10 -7.80 11.06
O6 NAG D . 2.69 -9.76 12.44
O7 NAG D . -3.70 -7.93 11.79
C1 BMA D . 1.49 -8.36 15.77
C2 BMA D . 2.52 -8.00 16.89
C3 BMA D . 2.49 -9.12 17.95
C4 BMA D . 1.06 -9.25 18.50
C5 BMA D . 0.10 -9.59 17.33
C6 BMA D . -1.34 -9.68 17.80
O2 BMA D . 2.17 -6.74 17.48
O3 BMA D . 3.41 -8.80 19.01
O4 BMA D . 1.03 -10.30 19.47
O5 BMA D . 0.17 -8.53 16.31
O6 BMA D . -2.17 -10.24 16.79
C1 FUC D . -1.41 -2.98 9.74
C2 FUC D . -0.35 -2.07 10.43
C3 FUC D . 0.26 -1.14 9.37
C4 FUC D . -0.87 -0.32 8.72
C5 FUC D . -1.87 -1.30 8.07
C6 FUC D . -3.02 -0.57 7.42
O2 FUC D . 0.68 -2.87 11.01
O3 FUC D . 1.21 -0.26 9.99
O4 FUC D . -1.53 0.47 9.70
O5 FUC D . -2.43 -2.20 9.09
#